data_5HRU
#
_entry.id   5HRU
#
_cell.length_a   84.477
_cell.length_b   84.477
_cell.length_c   209.867
_cell.angle_alpha   90.000
_cell.angle_beta   90.000
_cell.angle_gamma   90.000
#
_symmetry.space_group_name_H-M   'P 41 21 2'
#
loop_
_entity.id
_entity.type
_entity.pdbx_description
1 polymer 'L-lactate dehydrogenase'
2 polymer 'DNA (32-MER)'
3 non-polymer 'MAGNESIUM ION'
4 water water
#
loop_
_entity_poly.entity_id
_entity_poly.type
_entity_poly.pdbx_seq_one_letter_code
_entity_poly.pdbx_strand_id
1 'polypeptide(L)'
;MGSSHHHHHHSSGLVPRGSHMENLYFQRGSMTPKPKIVLVGSGMIGGVMATLIVQKNLGDVVMFDVVKNMPQGKALDTSH
SNVMAYSNCKVTGSNSYDDLKGADVVIVTAGFTKAPGKSDKEWNRDDLLPLNNKIMIEIGGHIKNLCPNAFIIVVTNPVD
VMVQLLFEHSGVPKNKIIGLGGVLDTSRLKYYISQKLNVCPRDVNALIVGAHGNKMVLLKRYITVGGIPLQEFINNKKIT
DEEVEGIFDRTVNTALEIVNLLASPYVAPAAAIIEMAESYLKDIKKVLVCSTLLEGQYGHSNIFGGTPLVIGGTGVEQVI
ELQLNAEEKTKFDEAVAETKRMKALI
;
A,B
2 'polydeoxyribonucleotide'
;(DT)(DC)(DG)(DA)(DT)(DT)(DG)(DG)(DA)(DT)(DT)(DG)(DT)(DG)(DC)(DC)(DG)(DG)(DA)(DA)
(DG)(DT)(DG)(DC)(DT)(DG)(DG)(DC)(DT)(DC)(DG)(DA)
;
C
#
# COMPACT_ATOMS: atom_id res chain seq x y z
N LYS A 34 -1.86 20.94 -10.15
CA LYS A 34 -1.69 19.54 -9.79
C LYS A 34 -3.04 18.93 -9.46
N PRO A 35 -3.34 17.73 -10.01
CA PRO A 35 -4.65 17.11 -9.87
C PRO A 35 -5.07 16.93 -8.42
N LYS A 36 -6.37 17.09 -8.18
CA LYS A 36 -6.96 16.81 -6.86
C LYS A 36 -7.81 15.55 -6.98
N ILE A 37 -7.47 14.58 -6.14
CA ILE A 37 -8.13 13.28 -6.12
C ILE A 37 -8.84 13.13 -4.77
N VAL A 38 -10.16 12.99 -4.79
CA VAL A 38 -10.91 12.82 -3.56
C VAL A 38 -11.41 11.39 -3.45
N LEU A 39 -11.01 10.74 -2.36
CA LEU A 39 -11.41 9.38 -2.10
C LEU A 39 -12.62 9.42 -1.18
N VAL A 40 -13.81 9.23 -1.76
CA VAL A 40 -15.02 9.21 -0.95
C VAL A 40 -15.18 7.82 -0.36
N GLY A 41 -14.66 7.68 0.86
CA GLY A 41 -14.48 6.38 1.49
C GLY A 41 -13.01 6.16 1.78
N SER A 42 -12.66 6.04 3.06
CA SER A 42 -11.27 5.87 3.45
C SER A 42 -11.01 4.59 4.23
N GLY A 43 -11.71 3.53 3.83
CA GLY A 43 -11.49 2.20 4.38
C GLY A 43 -10.19 1.57 3.89
N MET A 44 -10.12 0.24 3.88
CA MET A 44 -8.83 -0.37 3.57
C MET A 44 -8.43 -0.16 2.09
N ILE A 45 -9.41 -0.22 1.19
CA ILE A 45 -9.11 0.05 -0.21
C ILE A 45 -8.69 1.52 -0.41
N GLY A 46 -9.36 2.45 0.30
CA GLY A 46 -8.96 3.85 0.31
C GLY A 46 -7.52 4.06 0.78
N GLY A 47 -7.14 3.34 1.84
CA GLY A 47 -5.79 3.42 2.34
C GLY A 47 -4.78 3.02 1.28
N VAL A 48 -5.04 1.87 0.63
CA VAL A 48 -4.05 1.46 -0.37
C VAL A 48 -4.02 2.44 -1.56
N MET A 49 -5.19 2.95 -1.95
CA MET A 49 -5.24 3.94 -3.03
C MET A 49 -4.40 5.17 -2.72
N ALA A 50 -4.54 5.70 -1.52
CA ALA A 50 -3.78 6.88 -1.13
C ALA A 50 -2.27 6.59 -1.14
N THR A 51 -1.92 5.39 -0.65
CA THR A 51 -0.52 4.97 -0.66
C THR A 51 0.06 4.96 -2.08
N LEU A 52 -0.68 4.34 -3.01
CA LEU A 52 -0.23 4.25 -4.41
C LEU A 52 -0.19 5.60 -5.12
N ILE A 53 -1.15 6.47 -4.84
CA ILE A 53 -1.14 7.81 -5.41
C ILE A 53 0.15 8.53 -5.00
N VAL A 54 0.50 8.44 -3.71
CA VAL A 54 1.78 9.05 -3.30
C VAL A 54 3.00 8.36 -3.97
N GLN A 55 3.01 7.03 -4.04
CA GLN A 55 4.12 6.32 -4.71
C GLN A 55 4.32 6.82 -6.14
N LYS A 56 3.22 7.07 -6.84
CA LYS A 56 3.24 7.44 -8.25
C LYS A 56 3.21 8.96 -8.46
N ASN A 57 3.20 9.71 -7.36
CA ASN A 57 3.16 11.18 -7.38
C ASN A 57 2.03 11.70 -8.27
N LEU A 58 0.84 11.11 -8.16
CA LEU A 58 -0.24 11.39 -9.12
C LEU A 58 -1.04 12.64 -8.84
N GLY A 59 -1.16 13.05 -7.59
CA GLY A 59 -1.88 14.27 -7.26
C GLY A 59 -2.13 14.43 -5.76
N ASP A 60 -2.66 15.57 -5.39
CA ASP A 60 -3.09 15.79 -4.02
C ASP A 60 -4.27 14.88 -3.71
N VAL A 61 -4.37 14.43 -2.46
CA VAL A 61 -5.38 13.46 -2.05
C VAL A 61 -6.18 13.95 -0.86
N VAL A 62 -7.50 13.90 -0.98
CA VAL A 62 -8.37 14.06 0.18
C VAL A 62 -8.96 12.69 0.50
N MET A 63 -8.71 12.22 1.71
CA MET A 63 -9.30 10.99 2.22
C MET A 63 -10.55 11.36 2.99
N PHE A 64 -11.72 11.22 2.36
CA PHE A 64 -12.99 11.48 3.01
C PHE A 64 -13.58 10.23 3.62
N ASP A 65 -14.21 10.38 4.77
CA ASP A 65 -15.04 9.32 5.30
C ASP A 65 -16.10 9.90 6.23
N VAL A 66 -17.25 9.24 6.38
CA VAL A 66 -18.21 9.70 7.37
C VAL A 66 -17.72 9.37 8.78
N VAL A 67 -16.81 8.41 8.91
CA VAL A 67 -16.22 8.10 10.21
C VAL A 67 -15.28 9.22 10.65
N LYS A 68 -15.56 9.82 11.80
CA LYS A 68 -14.77 10.95 12.31
C LYS A 68 -13.33 10.57 12.66
N ASN A 69 -12.40 11.47 12.35
CA ASN A 69 -11.00 11.41 12.80
C ASN A 69 -10.13 10.38 12.07
N MET A 70 -10.66 9.19 11.82
CA MET A 70 -9.92 8.11 11.16
C MET A 70 -9.23 8.51 9.84
N PRO A 71 -9.96 9.19 8.93
CA PRO A 71 -9.25 9.52 7.69
C PRO A 71 -8.17 10.58 7.93
N GLN A 72 -8.35 11.48 8.88
CA GLN A 72 -7.28 12.42 9.22
C GLN A 72 -6.01 11.67 9.69
N GLY A 73 -6.20 10.62 10.48
CA GLY A 73 -5.07 9.83 10.95
C GLY A 73 -4.37 9.07 9.83
N LYS A 74 -5.18 8.42 8.98
CA LYS A 74 -4.59 7.70 7.84
C LYS A 74 -3.85 8.66 6.90
N ALA A 75 -4.43 9.85 6.70
CA ALA A 75 -3.82 10.83 5.82
C ALA A 75 -2.51 11.31 6.39
N LEU A 76 -2.47 11.52 7.70
CA LEU A 76 -1.23 11.97 8.34
C LEU A 76 -0.14 10.92 8.14
N ASP A 77 -0.46 9.66 8.47
CA ASP A 77 0.48 8.56 8.24
C ASP A 77 0.99 8.55 6.79
N THR A 78 0.06 8.54 5.85
CA THR A 78 0.41 8.45 4.44
C THR A 78 1.27 9.62 3.96
N SER A 79 1.01 10.81 4.48
CA SER A 79 1.69 11.99 3.99
C SER A 79 3.20 11.89 4.18
N HIS A 80 3.64 11.20 5.24
CA HIS A 80 5.07 11.12 5.52
C HIS A 80 5.79 10.32 4.45
N SER A 81 5.06 9.44 3.76
CA SER A 81 5.70 8.55 2.80
C SER A 81 6.14 9.30 1.54
N ASN A 82 5.69 10.55 1.39
CA ASN A 82 6.22 11.40 0.32
C ASN A 82 7.75 11.45 0.35
N VAL A 83 8.33 11.45 1.54
CA VAL A 83 9.78 11.53 1.66
C VAL A 83 10.44 10.31 1.02
N MET A 84 9.98 9.12 1.41
CA MET A 84 10.53 7.88 0.85
C MET A 84 10.26 7.74 -0.64
N ALA A 85 9.15 8.31 -1.10
CA ALA A 85 8.75 8.16 -2.50
C ALA A 85 9.35 9.20 -3.44
N TYR A 86 9.98 10.22 -2.88
CA TYR A 86 10.47 11.38 -3.64
C TYR A 86 9.30 12.12 -4.30
N SER A 87 8.14 12.11 -3.66
CA SER A 87 6.94 12.74 -4.22
C SER A 87 6.56 14.03 -3.50
N ASN A 88 5.55 14.72 -4.02
CA ASN A 88 5.01 15.87 -3.29
C ASN A 88 3.51 15.96 -3.50
N CYS A 89 2.79 15.02 -2.88
CA CYS A 89 1.35 15.01 -2.87
C CYS A 89 0.86 15.35 -1.48
N LYS A 90 0.03 16.39 -1.37
CA LYS A 90 -0.63 16.66 -0.10
C LYS A 90 -1.61 15.51 0.17
N VAL A 91 -1.68 15.05 1.41
CA VAL A 91 -2.67 14.05 1.79
C VAL A 91 -3.37 14.53 3.04
N THR A 92 -4.64 14.85 2.91
CA THR A 92 -5.40 15.34 4.06
C THR A 92 -6.62 14.46 4.27
N GLY A 93 -7.20 14.54 5.46
CA GLY A 93 -8.41 13.80 5.78
C GLY A 93 -9.58 14.75 5.92
N SER A 94 -10.78 14.24 5.67
CA SER A 94 -11.98 15.07 5.71
C SER A 94 -13.20 14.29 6.18
N ASN A 95 -14.05 14.96 6.95
CA ASN A 95 -15.39 14.46 7.25
C ASN A 95 -16.44 15.37 6.64
N SER A 96 -16.04 16.21 5.70
CA SER A 96 -16.96 17.15 5.07
C SER A 96 -16.99 17.00 3.57
N TYR A 97 -18.18 16.83 3.01
CA TYR A 97 -18.33 16.73 1.55
C TYR A 97 -17.91 18.03 0.85
N ASP A 98 -17.81 19.12 1.62
CA ASP A 98 -17.34 20.39 1.06
C ASP A 98 -16.00 20.24 0.37
N ASP A 99 -15.16 19.31 0.82
CA ASP A 99 -13.83 19.17 0.26
C ASP A 99 -13.85 18.48 -1.11
N LEU A 100 -15.04 18.19 -1.62
CA LEU A 100 -15.16 17.73 -3.00
C LEU A 100 -14.88 18.87 -3.98
N LYS A 101 -14.96 20.12 -3.52
CA LYS A 101 -14.79 21.28 -4.41
C LYS A 101 -13.48 21.19 -5.20
N GLY A 102 -13.60 21.27 -6.52
CA GLY A 102 -12.44 21.34 -7.38
C GLY A 102 -11.75 20.00 -7.63
N ALA A 103 -12.41 18.90 -7.27
CA ALA A 103 -11.82 17.59 -7.50
C ALA A 103 -11.72 17.31 -8.99
N ASP A 104 -10.58 16.75 -9.41
CA ASP A 104 -10.43 16.32 -10.79
C ASP A 104 -10.85 14.87 -10.91
N VAL A 105 -10.61 14.10 -9.85
CA VAL A 105 -11.02 12.70 -9.83
C VAL A 105 -11.71 12.38 -8.52
N VAL A 106 -12.83 11.67 -8.58
CA VAL A 106 -13.53 11.24 -7.38
C VAL A 106 -13.70 9.73 -7.41
N ILE A 107 -13.20 9.06 -6.38
CA ILE A 107 -13.30 7.60 -6.33
C ILE A 107 -14.20 7.20 -5.17
N VAL A 108 -15.33 6.58 -5.47
CA VAL A 108 -16.32 6.27 -4.45
C VAL A 108 -16.27 4.81 -4.01
N THR A 109 -15.80 4.58 -2.78
CA THR A 109 -15.83 3.24 -2.19
C THR A 109 -16.77 3.17 -0.99
N ALA A 110 -17.35 4.30 -0.62
CA ALA A 110 -18.25 4.37 0.52
C ALA A 110 -19.50 3.53 0.28
N GLY A 111 -20.03 2.95 1.35
CA GLY A 111 -21.26 2.20 1.26
C GLY A 111 -21.24 0.97 2.13
N PHE A 112 -22.42 0.47 2.47
CA PHE A 112 -22.50 -0.72 3.29
C PHE A 112 -22.03 -1.92 2.50
N THR A 113 -21.39 -2.84 3.21
CA THR A 113 -20.84 -4.03 2.58
C THR A 113 -21.43 -5.27 3.20
N LYS A 114 -21.32 -6.38 2.48
CA LYS A 114 -21.72 -7.68 2.99
C LYS A 114 -20.71 -8.70 2.49
N ALA A 115 -20.32 -9.61 3.37
CA ALA A 115 -19.33 -10.61 3.01
C ALA A 115 -19.88 -11.57 1.96
N PRO A 116 -19.02 -12.06 1.06
CA PRO A 116 -19.43 -13.12 0.13
C PRO A 116 -19.70 -14.43 0.85
N ARG A 125 -26.42 -9.46 -0.41
CA ARG A 125 -27.84 -9.65 -0.57
C ARG A 125 -28.43 -8.31 -1.05
N ASP A 126 -29.69 -8.34 -1.45
CA ASP A 126 -30.40 -7.21 -2.01
C ASP A 126 -30.68 -6.11 -0.97
N ASP A 127 -30.52 -6.43 0.30
CA ASP A 127 -30.83 -5.46 1.35
C ASP A 127 -29.88 -4.25 1.30
N LEU A 128 -28.72 -4.42 0.68
CA LEU A 128 -27.78 -3.30 0.50
C LEU A 128 -28.28 -2.28 -0.52
N LEU A 129 -29.21 -2.68 -1.37
CA LEU A 129 -29.61 -1.84 -2.49
C LEU A 129 -30.28 -0.53 -2.05
N PRO A 130 -31.31 -0.59 -1.19
CA PRO A 130 -31.90 0.71 -0.80
C PRO A 130 -30.90 1.57 -0.01
N LEU A 131 -30.27 1.00 1.01
CA LEU A 131 -29.29 1.73 1.82
C LEU A 131 -28.24 2.46 0.96
N ASN A 132 -27.57 1.71 0.10
CA ASN A 132 -26.50 2.30 -0.70
C ASN A 132 -27.07 3.26 -1.74
N ASN A 133 -28.31 3.03 -2.17
CA ASN A 133 -28.98 3.99 -3.05
C ASN A 133 -28.96 5.35 -2.38
N LYS A 134 -29.30 5.38 -1.09
CA LYS A 134 -29.38 6.65 -0.39
C LYS A 134 -28.02 7.34 -0.45
N ILE A 135 -26.96 6.56 -0.30
CA ILE A 135 -25.63 7.12 -0.27
C ILE A 135 -25.32 7.71 -1.65
N MET A 136 -25.71 7.00 -2.70
CA MET A 136 -25.44 7.50 -4.04
C MET A 136 -26.18 8.79 -4.25
N ILE A 137 -27.36 8.92 -3.64
CA ILE A 137 -28.12 10.15 -3.83
C ILE A 137 -27.31 11.28 -3.20
N GLU A 138 -26.83 11.04 -1.98
CA GLU A 138 -26.19 12.10 -1.22
C GLU A 138 -24.90 12.56 -1.92
N ILE A 139 -24.03 11.60 -2.19
CA ILE A 139 -22.78 11.88 -2.86
C ILE A 139 -23.09 12.56 -4.18
N GLY A 140 -24.14 12.09 -4.86
CA GLY A 140 -24.43 12.61 -6.19
C GLY A 140 -24.67 14.10 -6.09
N GLY A 141 -25.47 14.48 -5.09
CA GLY A 141 -25.87 15.88 -4.96
C GLY A 141 -24.61 16.72 -4.82
N HIS A 142 -23.69 16.21 -3.99
CA HIS A 142 -22.53 17.02 -3.68
C HIS A 142 -21.68 17.16 -4.93
N ILE A 143 -21.59 16.07 -5.71
CA ILE A 143 -20.75 16.14 -6.90
C ILE A 143 -21.36 17.22 -7.79
N LYS A 144 -22.70 17.17 -7.88
CA LYS A 144 -23.38 18.02 -8.82
C LYS A 144 -23.09 19.46 -8.46
N ASN A 145 -22.99 19.71 -7.15
CA ASN A 145 -22.84 21.09 -6.71
C ASN A 145 -21.39 21.53 -6.71
N LEU A 146 -20.46 20.59 -6.57
CA LEU A 146 -19.13 21.02 -6.14
C LEU A 146 -18.01 20.66 -7.11
N CYS A 147 -18.17 19.56 -7.81
CA CYS A 147 -17.19 19.16 -8.80
C CYS A 147 -17.87 18.49 -10.00
N PRO A 148 -18.72 19.24 -10.71
CA PRO A 148 -19.45 18.65 -11.85
C PRO A 148 -18.56 18.26 -13.02
N ASN A 149 -17.32 18.74 -13.06
CA ASN A 149 -16.39 18.36 -14.13
C ASN A 149 -15.45 17.23 -13.75
N ALA A 150 -15.65 16.64 -12.59
CA ALA A 150 -14.78 15.56 -12.14
C ALA A 150 -15.01 14.27 -12.94
N PHE A 151 -13.95 13.46 -13.02
CA PHE A 151 -14.04 12.09 -13.54
C PHE A 151 -14.31 11.19 -12.35
N ILE A 152 -15.37 10.38 -12.46
CA ILE A 152 -15.86 9.60 -11.32
C ILE A 152 -15.65 8.11 -11.53
N ILE A 153 -15.06 7.46 -10.53
CA ILE A 153 -14.92 6.00 -10.54
C ILE A 153 -15.70 5.41 -9.37
N VAL A 154 -16.68 4.57 -9.66
CA VAL A 154 -17.55 4.01 -8.62
C VAL A 154 -17.16 2.57 -8.32
N VAL A 155 -17.07 2.25 -7.04
CA VAL A 155 -16.65 0.94 -6.56
C VAL A 155 -17.73 0.25 -5.72
N THR A 156 -18.56 1.07 -5.07
CA THR A 156 -19.65 0.62 -4.20
C THR A 156 -20.47 -0.52 -4.80
N ASN A 157 -20.65 -1.61 -4.07
CA ASN A 157 -21.36 -2.76 -4.64
C ASN A 157 -22.86 -2.77 -4.38
N PRO A 158 -23.64 -3.37 -5.30
CA PRO A 158 -23.24 -3.95 -6.60
C PRO A 158 -22.91 -2.85 -7.59
N VAL A 159 -21.68 -2.87 -8.10
CA VAL A 159 -21.14 -1.70 -8.76
C VAL A 159 -21.91 -1.31 -10.03
N ASP A 160 -22.37 -2.29 -10.80
CA ASP A 160 -23.04 -1.94 -12.05
C ASP A 160 -24.37 -1.22 -11.81
N VAL A 161 -25.00 -1.45 -10.67
CA VAL A 161 -26.19 -0.69 -10.28
C VAL A 161 -25.81 0.69 -9.73
N MET A 162 -24.86 0.69 -8.80
CA MET A 162 -24.51 1.90 -8.07
C MET A 162 -23.89 2.98 -8.97
N VAL A 163 -23.11 2.57 -9.97
CA VAL A 163 -22.50 3.53 -10.87
C VAL A 163 -23.59 4.26 -11.66
N GLN A 164 -24.66 3.55 -12.01
CA GLN A 164 -25.76 4.19 -12.74
C GLN A 164 -26.52 5.13 -11.83
N LEU A 165 -26.76 4.69 -10.59
CA LEU A 165 -27.43 5.61 -9.65
C LEU A 165 -26.63 6.92 -9.46
N LEU A 166 -25.33 6.79 -9.24
CA LEU A 166 -24.50 7.99 -9.05
C LEU A 166 -24.47 8.84 -10.33
N PHE A 167 -24.42 8.18 -11.49
CA PHE A 167 -24.53 8.88 -12.78
C PHE A 167 -25.78 9.75 -12.82
N GLU A 168 -26.91 9.15 -12.44
CA GLU A 168 -28.17 9.86 -12.50
C GLU A 168 -28.25 11.02 -11.52
N HIS A 169 -27.76 10.82 -10.30
CA HIS A 169 -27.92 11.86 -9.30
C HIS A 169 -26.83 12.93 -9.31
N SER A 170 -25.73 12.67 -10.02
CA SER A 170 -24.63 13.64 -10.10
C SER A 170 -24.73 14.54 -11.33
N GLY A 171 -25.43 14.06 -12.36
CA GLY A 171 -25.60 14.82 -13.57
C GLY A 171 -24.36 14.90 -14.48
N VAL A 172 -23.30 14.16 -14.16
CA VAL A 172 -22.10 14.22 -14.98
C VAL A 172 -22.35 13.55 -16.34
N PRO A 173 -21.55 13.93 -17.36
CA PRO A 173 -21.68 13.32 -18.68
C PRO A 173 -21.36 11.83 -18.67
N LYS A 174 -21.95 11.07 -19.58
CA LYS A 174 -21.75 9.62 -19.62
C LYS A 174 -20.29 9.22 -19.82
N ASN A 175 -19.48 10.10 -20.39
CA ASN A 175 -18.07 9.76 -20.61
C ASN A 175 -17.19 10.08 -19.40
N LYS A 176 -17.81 10.53 -18.30
CA LYS A 176 -17.04 10.99 -17.15
C LYS A 176 -17.29 10.15 -15.91
N ILE A 177 -17.97 9.02 -16.06
CA ILE A 177 -18.20 8.14 -14.91
C ILE A 177 -18.16 6.67 -15.30
N ILE A 178 -17.36 5.90 -14.58
CA ILE A 178 -17.25 4.47 -14.86
C ILE A 178 -17.22 3.67 -13.55
N GLY A 179 -17.48 2.36 -13.65
CA GLY A 179 -17.45 1.50 -12.48
C GLY A 179 -16.33 0.48 -12.54
N LEU A 180 -15.76 0.15 -11.38
CA LEU A 180 -14.74 -0.88 -11.30
C LEU A 180 -15.33 -2.26 -11.52
N GLY A 181 -14.67 -3.08 -12.32
CA GLY A 181 -15.06 -4.46 -12.47
C GLY A 181 -14.00 -5.24 -13.22
N GLY A 182 -13.99 -5.05 -14.53
CA GLY A 182 -13.17 -5.84 -15.42
C GLY A 182 -11.67 -5.82 -15.17
N VAL A 183 -11.12 -4.68 -14.77
CA VAL A 183 -9.68 -4.62 -14.52
C VAL A 183 -9.30 -5.55 -13.35
N LEU A 184 -10.13 -5.55 -12.31
CA LEU A 184 -9.88 -6.40 -11.16
C LEU A 184 -10.11 -7.91 -11.49
N ASP A 185 -11.28 -8.20 -12.05
CA ASP A 185 -11.60 -9.60 -12.34
C ASP A 185 -10.56 -10.21 -13.31
N THR A 186 -10.22 -9.43 -14.34
CA THR A 186 -9.24 -9.95 -15.30
C THR A 186 -7.86 -10.00 -14.65
N SER A 187 -7.55 -9.14 -13.68
CA SER A 187 -6.24 -9.29 -13.02
C SER A 187 -6.15 -10.67 -12.37
N ARG A 188 -7.27 -11.12 -11.78
CA ARG A 188 -7.23 -12.49 -11.22
C ARG A 188 -7.04 -13.57 -12.31
N LEU A 189 -7.85 -13.48 -13.37
CA LEU A 189 -7.74 -14.48 -14.44
C LEU A 189 -6.33 -14.55 -15.09
N LYS A 190 -5.82 -13.38 -15.47
CA LYS A 190 -4.47 -13.22 -16.00
C LYS A 190 -3.44 -13.82 -15.04
N TYR A 191 -3.55 -13.48 -13.76
CA TYR A 191 -2.55 -13.99 -12.81
C TYR A 191 -2.54 -15.52 -12.76
N TYR A 192 -3.73 -16.11 -12.60
CA TYR A 192 -3.81 -17.56 -12.44
C TYR A 192 -3.27 -18.31 -13.69
N ILE A 193 -3.66 -17.79 -14.86
CA ILE A 193 -3.16 -18.41 -16.09
C ILE A 193 -1.63 -18.28 -16.18
N SER A 194 -1.13 -17.09 -15.84
CA SER A 194 0.30 -16.84 -15.95
C SER A 194 1.08 -17.81 -15.06
N GLN A 195 0.50 -18.17 -13.91
CA GLN A 195 1.25 -19.06 -13.04
C GLN A 195 1.20 -20.48 -13.55
N LYS A 196 0.13 -20.84 -14.28
CA LYS A 196 0.15 -22.17 -14.90
C LYS A 196 1.12 -22.26 -16.09
N LEU A 197 1.29 -21.17 -16.82
CA LEU A 197 2.17 -21.20 -17.99
C LEU A 197 3.59 -20.67 -17.74
N ASN A 198 3.84 -20.24 -16.51
CA ASN A 198 5.13 -19.67 -16.09
CA ASN A 198 5.16 -19.72 -16.12
C ASN A 198 5.62 -18.54 -16.97
N VAL A 199 4.76 -17.55 -17.11
CA VAL A 199 5.09 -16.29 -17.79
C VAL A 199 4.73 -15.09 -16.92
N CYS A 200 5.20 -13.92 -17.32
CA CYS A 200 4.88 -12.69 -16.63
C CYS A 200 3.36 -12.47 -16.60
N PRO A 201 2.79 -12.21 -15.41
CA PRO A 201 1.34 -12.04 -15.30
C PRO A 201 0.72 -11.06 -16.32
N ARG A 202 1.37 -9.93 -16.56
CA ARG A 202 0.87 -8.91 -17.48
C ARG A 202 0.90 -9.39 -18.94
N ASP A 203 1.66 -10.44 -19.22
CA ASP A 203 1.71 -10.93 -20.60
C ASP A 203 0.52 -11.81 -20.96
N VAL A 204 -0.32 -12.14 -19.98
CA VAL A 204 -1.61 -12.76 -20.28
C VAL A 204 -2.65 -11.65 -20.49
N ASN A 205 -3.40 -11.74 -21.58
CA ASN A 205 -4.46 -10.76 -21.77
C ASN A 205 -5.78 -11.50 -21.82
N ALA A 206 -6.81 -10.86 -21.29
CA ALA A 206 -8.10 -11.49 -21.16
C ALA A 206 -9.18 -10.46 -20.95
N LEU A 207 -10.40 -10.82 -21.33
CA LEU A 207 -11.55 -9.93 -21.20
C LEU A 207 -12.64 -10.62 -20.38
N ILE A 208 -13.13 -9.90 -19.37
CA ILE A 208 -14.28 -10.34 -18.59
C ILE A 208 -15.27 -9.20 -18.63
N VAL A 209 -16.49 -9.48 -19.06
CA VAL A 209 -17.44 -8.41 -19.40
C VAL A 209 -18.83 -8.63 -18.78
N GLY A 210 -19.74 -7.72 -19.07
CA GLY A 210 -21.13 -7.86 -18.63
C GLY A 210 -21.41 -7.22 -17.29
N ALA A 211 -20.89 -7.83 -16.23
CA ALA A 211 -21.09 -7.32 -14.89
C ALA A 211 -20.00 -7.79 -13.95
N HIS A 212 -19.80 -7.02 -12.88
CA HIS A 212 -18.87 -7.39 -11.82
C HIS A 212 -19.59 -8.10 -10.70
N GLY A 213 -19.49 -9.42 -10.68
CA GLY A 213 -20.26 -10.23 -9.75
C GLY A 213 -20.29 -11.63 -10.30
N ASN A 214 -21.12 -12.48 -9.68
CA ASN A 214 -21.12 -13.90 -10.00
C ASN A 214 -21.52 -14.21 -11.44
N LYS A 215 -22.15 -13.25 -12.11
CA LYS A 215 -22.56 -13.44 -13.51
C LYS A 215 -21.54 -12.88 -14.51
N MET A 216 -20.35 -12.50 -14.03
CA MET A 216 -19.31 -12.00 -14.92
C MET A 216 -19.09 -12.95 -16.10
N VAL A 217 -18.86 -12.39 -17.28
CA VAL A 217 -18.77 -13.17 -18.50
C VAL A 217 -17.31 -13.37 -18.88
N LEU A 218 -16.83 -14.61 -18.73
CA LEU A 218 -15.42 -14.91 -18.95
C LEU A 218 -15.27 -15.40 -20.38
N LEU A 219 -14.60 -14.60 -21.20
CA LEU A 219 -14.56 -14.86 -22.64
C LEU A 219 -13.33 -15.67 -23.06
N LYS A 220 -13.49 -17.00 -23.04
CA LYS A 220 -12.38 -17.90 -23.27
C LYS A 220 -11.72 -17.67 -24.63
N ARG A 221 -12.54 -17.29 -25.62
CA ARG A 221 -12.06 -17.06 -26.98
C ARG A 221 -11.07 -15.89 -27.07
N TYR A 222 -11.14 -14.98 -26.09
CA TYR A 222 -10.34 -13.76 -26.13
C TYR A 222 -9.11 -13.77 -25.24
N ILE A 223 -8.67 -14.95 -24.80
CA ILE A 223 -7.48 -15.01 -23.95
C ILE A 223 -6.25 -15.22 -24.82
N THR A 224 -5.20 -14.45 -24.53
CA THR A 224 -3.91 -14.56 -25.21
C THR A 224 -2.77 -14.55 -24.22
N VAL A 225 -1.63 -15.09 -24.65
CA VAL A 225 -0.42 -15.17 -23.84
C VAL A 225 0.74 -14.69 -24.70
N GLY A 226 1.34 -13.56 -24.32
CA GLY A 226 2.36 -12.96 -25.17
C GLY A 226 1.82 -12.64 -26.55
N GLY A 227 0.53 -12.35 -26.62
CA GLY A 227 -0.11 -12.07 -27.90
C GLY A 227 -0.59 -13.29 -28.65
N ILE A 228 -0.30 -14.49 -28.14
CA ILE A 228 -0.62 -15.76 -28.81
C ILE A 228 -1.94 -16.32 -28.29
N PRO A 229 -2.83 -16.78 -29.19
CA PRO A 229 -4.11 -17.33 -28.70
C PRO A 229 -3.90 -18.45 -27.69
N LEU A 230 -4.68 -18.45 -26.61
CA LEU A 230 -4.53 -19.47 -25.58
C LEU A 230 -4.74 -20.88 -26.17
N GLN A 231 -5.56 -20.95 -27.22
CA GLN A 231 -5.85 -22.21 -27.87
C GLN A 231 -4.57 -22.93 -28.32
N GLU A 232 -3.53 -22.18 -28.68
CA GLU A 232 -2.28 -22.82 -29.08
C GLU A 232 -1.63 -23.54 -27.90
N PHE A 233 -1.72 -22.96 -26.71
CA PHE A 233 -1.18 -23.59 -25.50
C PHE A 233 -2.03 -24.79 -25.08
N ILE A 234 -3.33 -24.71 -25.38
CA ILE A 234 -4.20 -25.86 -25.10
C ILE A 234 -3.86 -27.02 -26.04
N ASN A 235 -3.67 -26.71 -27.32
CA ASN A 235 -3.31 -27.72 -28.32
C ASN A 235 -2.02 -28.44 -27.95
N ASN A 236 -1.06 -27.68 -27.41
CA ASN A 236 0.23 -28.23 -26.99
C ASN A 236 0.21 -28.88 -25.62
N LYS A 237 -0.98 -28.91 -25.01
CA LYS A 237 -1.21 -29.50 -23.69
C LYS A 237 -0.46 -28.80 -22.55
N LYS A 238 -0.04 -27.56 -22.79
CA LYS A 238 0.61 -26.77 -21.73
C LYS A 238 -0.41 -26.37 -20.66
N ILE A 239 -1.68 -26.35 -21.07
CA ILE A 239 -2.81 -26.11 -20.18
C ILE A 239 -4.02 -26.74 -20.86
N THR A 240 -5.00 -27.19 -20.08
CA THR A 240 -6.18 -27.83 -20.66
C THR A 240 -7.42 -26.96 -20.60
N ASP A 241 -8.41 -27.32 -21.41
CA ASP A 241 -9.74 -26.69 -21.33
C ASP A 241 -10.29 -26.80 -19.93
N GLU A 242 -10.12 -27.97 -19.32
CA GLU A 242 -10.65 -28.18 -17.97
C GLU A 242 -9.98 -27.27 -16.95
N GLU A 243 -8.66 -27.08 -17.08
CA GLU A 243 -7.94 -26.21 -16.16
C GLU A 243 -8.37 -24.76 -16.36
N VAL A 244 -8.63 -24.38 -17.61
CA VAL A 244 -9.11 -23.02 -17.87
C VAL A 244 -10.49 -22.83 -17.22
N GLU A 245 -11.39 -23.80 -17.35
CA GLU A 245 -12.70 -23.69 -16.68
C GLU A 245 -12.54 -23.61 -15.15
N GLY A 246 -11.57 -24.37 -14.62
CA GLY A 246 -11.30 -24.33 -13.19
C GLY A 246 -10.81 -22.96 -12.72
N ILE A 247 -9.97 -22.35 -13.55
CA ILE A 247 -9.45 -21.02 -13.26
C ILE A 247 -10.57 -19.98 -13.40
N PHE A 248 -11.49 -20.17 -14.34
CA PHE A 248 -12.68 -19.31 -14.43
C PHE A 248 -13.46 -19.38 -13.11
N ASP A 249 -13.72 -20.59 -12.65
CA ASP A 249 -14.41 -20.76 -11.37
C ASP A 249 -13.66 -20.06 -10.24
N ARG A 250 -12.33 -20.21 -10.21
CA ARG A 250 -11.56 -19.60 -9.14
C ARG A 250 -11.64 -18.08 -9.19
N THR A 251 -11.65 -17.55 -10.41
CA THR A 251 -11.72 -16.11 -10.66
C THR A 251 -13.05 -15.56 -10.15
N VAL A 252 -14.14 -16.24 -10.49
CA VAL A 252 -15.45 -15.83 -10.02
C VAL A 252 -15.51 -15.80 -8.51
N ASN A 253 -14.88 -16.78 -7.88
CA ASN A 253 -14.99 -16.95 -6.44
C ASN A 253 -13.84 -16.41 -5.62
N THR A 254 -13.00 -15.58 -6.23
CA THR A 254 -11.77 -15.13 -5.58
C THR A 254 -12.02 -14.33 -4.29
N ALA A 255 -13.01 -13.44 -4.29
CA ALA A 255 -13.26 -12.64 -3.09
C ALA A 255 -13.63 -13.56 -1.94
N LEU A 256 -14.47 -14.56 -2.25
CA LEU A 256 -14.85 -15.57 -1.28
C LEU A 256 -13.65 -16.38 -0.80
N GLU A 257 -12.75 -16.74 -1.73
CA GLU A 257 -11.57 -17.50 -1.36
C GLU A 257 -10.72 -16.70 -0.37
N ILE A 258 -10.58 -15.40 -0.62
CA ILE A 258 -9.78 -14.53 0.25
C ILE A 258 -10.44 -14.38 1.62
N VAL A 259 -11.75 -14.18 1.63
CA VAL A 259 -12.47 -14.05 2.89
C VAL A 259 -12.43 -15.34 3.71
N ASN A 260 -12.49 -16.50 3.04
CA ASN A 260 -12.36 -17.80 3.72
C ASN A 260 -11.00 -17.94 4.39
N LEU A 261 -10.01 -17.22 3.86
CA LEU A 261 -8.66 -17.22 4.43
C LEU A 261 -8.48 -16.10 5.46
N LEU A 262 -9.60 -15.51 5.91
CA LEU A 262 -9.61 -14.52 6.99
C LEU A 262 -8.95 -13.21 6.56
N ALA A 263 -9.01 -12.92 5.28
CA ALA A 263 -8.52 -11.63 4.81
C ALA A 263 -9.62 -10.93 4.03
N SER A 264 -9.34 -9.70 3.63
CA SER A 264 -10.31 -8.89 2.90
C SER A 264 -9.63 -8.39 1.62
N PRO A 265 -10.30 -8.57 0.47
CA PRO A 265 -9.65 -8.14 -0.77
C PRO A 265 -9.61 -6.61 -0.84
N TYR A 266 -8.42 -6.02 -0.82
CA TYR A 266 -8.36 -4.58 -1.05
C TYR A 266 -7.11 -4.09 -1.77
N VAL A 267 -6.04 -4.88 -1.80
CA VAL A 267 -4.82 -4.44 -2.45
C VAL A 267 -4.98 -4.44 -3.97
N ALA A 268 -5.43 -5.56 -4.52
CA ALA A 268 -5.63 -5.62 -5.96
C ALA A 268 -6.75 -4.67 -6.42
N PRO A 269 -7.88 -4.58 -5.66
CA PRO A 269 -8.89 -3.60 -6.07
C PRO A 269 -8.35 -2.16 -6.13
N ALA A 270 -7.61 -1.76 -5.11
CA ALA A 270 -6.99 -0.44 -5.12
C ALA A 270 -6.06 -0.27 -6.32
N ALA A 271 -5.23 -1.27 -6.60
CA ALA A 271 -4.30 -1.15 -7.72
C ALA A 271 -5.04 -1.02 -9.06
N ALA A 272 -6.15 -1.74 -9.21
CA ALA A 272 -6.97 -1.67 -10.44
C ALA A 272 -7.55 -0.26 -10.61
N ILE A 273 -8.05 0.26 -9.49
CA ILE A 273 -8.66 1.60 -9.53
C ILE A 273 -7.61 2.64 -9.90
N ILE A 274 -6.42 2.52 -9.32
CA ILE A 274 -5.39 3.49 -9.64
C ILE A 274 -4.92 3.33 -11.10
N GLU A 275 -4.94 2.12 -11.64
CA GLU A 275 -4.57 1.99 -13.05
C GLU A 275 -5.58 2.77 -13.93
N MET A 276 -6.86 2.64 -13.58
CA MET A 276 -7.90 3.42 -14.30
C MET A 276 -7.71 4.96 -14.16
N ALA A 277 -7.55 5.41 -12.91
CA ALA A 277 -7.42 6.83 -12.62
C ALA A 277 -6.19 7.41 -13.30
N GLU A 278 -5.11 6.62 -13.33
CA GLU A 278 -3.87 7.08 -13.91
C GLU A 278 -4.01 7.18 -15.42
N SER A 279 -4.75 6.24 -16.01
CA SER A 279 -4.94 6.32 -17.46
C SER A 279 -5.69 7.61 -17.79
N TYR A 280 -6.64 8.00 -16.95
CA TYR A 280 -7.26 9.33 -17.14
C TYR A 280 -6.30 10.52 -16.94
N LEU A 281 -5.64 10.55 -15.79
CA LEU A 281 -4.82 11.70 -15.41
C LEU A 281 -3.63 11.94 -16.33
N LYS A 282 -3.08 10.87 -16.91
CA LYS A 282 -1.91 11.01 -17.77
C LYS A 282 -2.25 10.82 -19.26
N ASP A 283 -3.54 10.73 -19.57
CA ASP A 283 -4.01 10.60 -20.96
C ASP A 283 -3.31 9.43 -21.66
N ILE A 284 -3.33 8.25 -21.05
CA ILE A 284 -2.56 7.15 -21.58
C ILE A 284 -3.33 6.39 -22.68
N LYS A 285 -4.67 6.47 -22.61
CA LYS A 285 -5.58 5.81 -23.56
C LYS A 285 -5.41 4.28 -23.50
N LYS A 286 -5.30 3.77 -22.28
CA LYS A 286 -5.30 2.32 -22.08
C LYS A 286 -6.67 1.76 -22.42
N VAL A 287 -6.68 0.53 -22.91
CA VAL A 287 -7.90 -0.25 -23.08
C VAL A 287 -8.12 -1.00 -21.78
N LEU A 288 -9.21 -0.66 -21.10
CA LEU A 288 -9.51 -1.18 -19.76
C LEU A 288 -10.98 -1.55 -19.70
N VAL A 289 -11.29 -2.74 -19.22
CA VAL A 289 -12.69 -3.14 -19.13
C VAL A 289 -13.32 -2.55 -17.88
N CYS A 290 -14.34 -1.72 -18.09
CA CYS A 290 -15.00 -1.04 -16.97
C CYS A 290 -16.50 -0.97 -17.24
N SER A 291 -17.26 -0.69 -16.19
CA SER A 291 -18.70 -0.56 -16.33
C SER A 291 -19.04 0.82 -16.87
N THR A 292 -19.81 0.85 -17.97
CA THR A 292 -20.14 2.11 -18.63
C THR A 292 -21.59 2.05 -19.11
N LEU A 293 -22.17 3.22 -19.37
CA LEU A 293 -23.55 3.29 -19.87
C LEU A 293 -23.66 2.64 -21.24
N LEU A 294 -24.55 1.65 -21.35
CA LEU A 294 -24.82 1.02 -22.64
C LEU A 294 -25.91 1.80 -23.36
N GLU A 295 -25.65 2.10 -24.62
CA GLU A 295 -26.60 2.82 -25.45
C GLU A 295 -26.90 2.02 -26.71
N GLY A 296 -27.26 0.75 -26.54
CA GLY A 296 -27.55 -0.10 -27.67
C GLY A 296 -26.51 -1.17 -27.91
N GLN A 297 -25.32 -1.00 -27.35
CA GLN A 297 -24.29 -2.03 -27.47
C GLN A 297 -24.81 -3.33 -26.87
N TYR A 298 -24.51 -4.45 -27.53
CA TYR A 298 -24.92 -5.78 -27.10
C TYR A 298 -26.44 -5.93 -26.99
N GLY A 299 -27.18 -4.97 -27.57
CA GLY A 299 -28.63 -4.99 -27.54
C GLY A 299 -29.25 -4.43 -26.27
N HIS A 300 -28.49 -3.65 -25.51
CA HIS A 300 -28.99 -3.11 -24.24
C HIS A 300 -28.85 -1.58 -24.13
N SER A 301 -29.84 -0.97 -23.48
CA SER A 301 -29.85 0.47 -23.20
C SER A 301 -30.32 0.73 -21.76
N ASN A 302 -30.11 1.97 -21.30
CA ASN A 302 -30.57 2.41 -19.97
C ASN A 302 -29.99 1.61 -18.83
N ILE A 303 -28.77 1.14 -19.00
CA ILE A 303 -28.15 0.28 -18.00
C ILE A 303 -26.64 0.31 -18.18
N PHE A 304 -25.90 0.11 -17.10
CA PHE A 304 -24.45 0.06 -17.19
C PHE A 304 -24.00 -1.38 -17.26
N GLY A 305 -22.95 -1.64 -18.02
CA GLY A 305 -22.35 -2.96 -18.07
C GLY A 305 -20.87 -2.90 -18.41
N GLY A 306 -20.16 -3.96 -18.05
CA GLY A 306 -18.72 -4.04 -18.27
C GLY A 306 -18.37 -4.30 -19.72
N THR A 307 -17.51 -3.44 -20.26
CA THR A 307 -17.03 -3.61 -21.63
C THR A 307 -15.66 -2.95 -21.74
N PRO A 308 -14.82 -3.39 -22.70
CA PRO A 308 -13.57 -2.67 -22.94
C PRO A 308 -13.83 -1.22 -23.32
N LEU A 309 -13.08 -0.32 -22.69
CA LEU A 309 -13.19 1.12 -22.91
C LEU A 309 -11.80 1.67 -23.16
N VAL A 310 -11.69 2.83 -23.81
CA VAL A 310 -10.41 3.53 -23.86
C VAL A 310 -10.49 4.71 -22.88
N ILE A 311 -9.58 4.74 -21.91
CA ILE A 311 -9.61 5.81 -20.91
C ILE A 311 -8.50 6.80 -21.20
N GLY A 312 -8.84 8.03 -21.54
CA GLY A 312 -7.84 9.06 -21.77
C GLY A 312 -8.20 10.36 -21.09
N GLY A 313 -7.52 11.43 -21.49
CA GLY A 313 -7.67 12.74 -20.87
C GLY A 313 -9.06 13.36 -20.89
N THR A 314 -9.91 12.96 -21.83
CA THR A 314 -11.28 13.47 -21.88
C THR A 314 -12.27 12.55 -21.15
N GLY A 315 -11.76 11.45 -20.60
CA GLY A 315 -12.61 10.46 -19.94
C GLY A 315 -12.72 9.21 -20.79
N VAL A 316 -13.93 8.67 -20.93
CA VAL A 316 -14.13 7.52 -21.81
C VAL A 316 -14.11 8.02 -23.25
N GLU A 317 -13.06 7.69 -23.98
CA GLU A 317 -12.91 8.21 -25.35
C GLU A 317 -13.50 7.26 -26.39
N GLN A 318 -13.55 5.98 -26.06
CA GLN A 318 -14.15 4.97 -26.92
C GLN A 318 -14.80 3.90 -26.05
N VAL A 319 -16.00 3.49 -26.44
CA VAL A 319 -16.64 2.31 -25.87
C VAL A 319 -16.54 1.21 -26.92
N ILE A 320 -15.78 0.17 -26.64
CA ILE A 320 -15.56 -0.87 -27.63
C ILE A 320 -16.57 -1.99 -27.48
N GLU A 321 -17.38 -2.20 -28.51
CA GLU A 321 -18.33 -3.30 -28.48
C GLU A 321 -17.71 -4.55 -29.09
N LEU A 322 -17.55 -5.57 -28.27
CA LEU A 322 -17.01 -6.84 -28.74
C LEU A 322 -17.99 -7.55 -29.66
N GLN A 323 -17.44 -8.18 -30.69
CA GLN A 323 -18.27 -8.92 -31.65
C GLN A 323 -18.53 -10.33 -31.14
N LEU A 324 -19.36 -10.42 -30.11
CA LEU A 324 -19.64 -11.69 -29.45
C LEU A 324 -20.45 -12.63 -30.33
N ASN A 325 -20.23 -13.93 -30.16
CA ASN A 325 -21.05 -14.92 -30.85
C ASN A 325 -22.33 -15.15 -30.04
N ALA A 326 -23.18 -16.08 -30.47
CA ALA A 326 -24.48 -16.28 -29.84
C ALA A 326 -24.41 -16.70 -28.36
N GLU A 327 -23.55 -17.67 -28.05
CA GLU A 327 -23.42 -18.14 -26.66
C GLU A 327 -22.92 -17.03 -25.71
N GLU A 328 -21.89 -16.34 -26.17
CA GLU A 328 -21.30 -15.24 -25.41
C GLU A 328 -22.35 -14.16 -25.15
N LYS A 329 -23.13 -13.85 -26.18
CA LYS A 329 -24.19 -12.86 -26.07
C LYS A 329 -25.22 -13.30 -25.05
N THR A 330 -25.56 -14.59 -25.05
CA THR A 330 -26.48 -15.14 -24.06
C THR A 330 -25.95 -14.88 -22.64
N LYS A 331 -24.66 -15.15 -22.43
CA LYS A 331 -24.08 -14.90 -21.10
C LYS A 331 -24.11 -13.40 -20.71
N PHE A 332 -23.79 -12.54 -21.68
CA PHE A 332 -23.83 -11.09 -21.46
C PHE A 332 -25.24 -10.65 -21.05
N ASP A 333 -26.23 -11.17 -21.76
CA ASP A 333 -27.63 -10.89 -21.47
C ASP A 333 -27.96 -11.30 -20.05
N GLU A 334 -27.46 -12.46 -19.62
CA GLU A 334 -27.73 -12.90 -18.25
C GLU A 334 -27.15 -11.93 -17.22
N ALA A 335 -25.92 -11.48 -17.48
CA ALA A 335 -25.27 -10.53 -16.57
C ALA A 335 -26.08 -9.22 -16.42
N VAL A 336 -26.46 -8.67 -17.58
CA VAL A 336 -27.22 -7.41 -17.59
C VAL A 336 -28.61 -7.59 -16.96
N ALA A 337 -29.21 -8.76 -17.17
CA ALA A 337 -30.52 -9.06 -16.59
C ALA A 337 -30.42 -9.07 -15.08
N GLU A 338 -29.31 -9.59 -14.54
CA GLU A 338 -29.13 -9.54 -13.08
C GLU A 338 -28.95 -8.11 -12.56
N THR A 339 -28.16 -7.30 -13.28
CA THR A 339 -28.07 -5.87 -12.89
C THR A 339 -29.45 -5.19 -12.86
N LYS A 340 -30.24 -5.42 -13.90
CA LYS A 340 -31.59 -4.87 -13.99
C LYS A 340 -32.50 -5.33 -12.82
N ARG A 341 -32.43 -6.62 -12.54
CA ARG A 341 -33.19 -7.21 -11.44
C ARG A 341 -32.85 -6.51 -10.14
N MET A 342 -31.57 -6.29 -9.89
CA MET A 342 -31.21 -5.62 -8.64
C MET A 342 -31.60 -4.14 -8.66
N LYS A 343 -31.52 -3.50 -9.82
CA LYS A 343 -31.85 -2.09 -9.92
C LYS A 343 -33.31 -1.88 -9.54
N ALA A 344 -34.15 -2.86 -9.86
CA ALA A 344 -35.56 -2.76 -9.45
C ALA A 344 -35.81 -2.72 -7.93
N LEU A 345 -34.80 -3.06 -7.12
CA LEU A 345 -35.02 -3.19 -5.67
C LEU A 345 -34.52 -2.02 -4.82
N ILE A 346 -34.14 -0.91 -5.45
CA ILE A 346 -33.65 0.24 -4.67
C ILE A 346 -34.81 0.95 -3.98
N PRO B 33 17.36 -16.87 -8.13
CA PRO B 33 17.82 -15.68 -8.86
C PRO B 33 17.14 -14.40 -8.36
N LYS B 34 15.83 -14.43 -8.10
CA LYS B 34 15.16 -13.27 -7.52
C LYS B 34 15.32 -13.32 -6.00
N PRO B 35 15.50 -12.14 -5.38
CA PRO B 35 15.66 -12.16 -3.91
C PRO B 35 14.45 -12.71 -3.18
N LYS B 36 14.70 -13.45 -2.10
CA LYS B 36 13.64 -13.92 -1.22
C LYS B 36 13.53 -13.05 0.02
N ILE B 37 12.37 -12.39 0.16
CA ILE B 37 12.12 -11.52 1.29
C ILE B 37 11.09 -12.16 2.21
N VAL B 38 11.47 -12.41 3.46
CA VAL B 38 10.52 -13.03 4.37
C VAL B 38 10.08 -11.99 5.41
N LEU B 39 8.77 -11.75 5.42
CA LEU B 39 8.17 -10.85 6.39
C LEU B 39 7.72 -11.66 7.60
N VAL B 40 8.47 -11.59 8.69
CA VAL B 40 8.10 -12.25 9.94
C VAL B 40 7.14 -11.33 10.70
N GLY B 41 5.85 -11.59 10.48
CA GLY B 41 4.81 -10.68 10.91
C GLY B 41 4.10 -10.16 9.67
N SER B 42 2.80 -10.44 9.57
CA SER B 42 2.00 -10.05 8.41
C SER B 42 0.85 -9.12 8.78
N GLY B 43 1.08 -8.30 9.81
CA GLY B 43 0.12 -7.30 10.25
C GLY B 43 0.07 -6.09 9.33
N MET B 44 -0.33 -4.93 9.87
CA MET B 44 -0.57 -3.71 9.09
C MET B 44 0.67 -3.29 8.25
N ILE B 45 1.79 -3.20 8.98
CA ILE B 45 3.05 -2.84 8.33
C ILE B 45 3.50 -3.92 7.33
N GLY B 46 3.41 -5.20 7.71
CA GLY B 46 3.71 -6.29 6.79
C GLY B 46 2.93 -6.24 5.49
N GLY B 47 1.62 -5.98 5.60
CA GLY B 47 0.77 -5.86 4.42
C GLY B 47 1.25 -4.78 3.49
N VAL B 48 1.49 -3.58 4.05
CA VAL B 48 1.94 -2.52 3.15
C VAL B 48 3.31 -2.84 2.54
N MET B 49 4.18 -3.49 3.31
CA MET B 49 5.48 -3.86 2.77
C MET B 49 5.33 -4.81 1.57
N ALA B 50 4.48 -5.81 1.70
CA ALA B 50 4.29 -6.75 0.58
C ALA B 50 3.78 -6.01 -0.66
N THR B 51 2.82 -5.10 -0.42
CA THR B 51 2.30 -4.29 -1.52
C THR B 51 3.41 -3.50 -2.25
N LEU B 52 4.27 -2.83 -1.46
CA LEU B 52 5.34 -2.03 -2.04
C LEU B 52 6.39 -2.89 -2.74
N ILE B 53 6.67 -4.06 -2.19
CA ILE B 53 7.62 -4.96 -2.81
C ILE B 53 7.12 -5.36 -4.19
N VAL B 54 5.83 -5.66 -4.31
CA VAL B 54 5.30 -5.97 -5.64
C VAL B 54 5.37 -4.75 -6.56
N GLN B 55 5.00 -3.57 -6.05
CA GLN B 55 5.07 -2.36 -6.87
C GLN B 55 6.46 -2.15 -7.47
N LYS B 56 7.48 -2.42 -6.65
CA LYS B 56 8.87 -2.20 -7.02
C LYS B 56 9.57 -3.42 -7.65
N ASN B 57 8.81 -4.52 -7.77
CA ASN B 57 9.31 -5.79 -8.30
C ASN B 57 10.61 -6.23 -7.62
N LEU B 58 10.67 -6.08 -6.29
CA LEU B 58 11.93 -6.23 -5.55
C LEU B 58 12.31 -7.67 -5.23
N GLY B 59 11.33 -8.55 -5.10
CA GLY B 59 11.65 -9.94 -4.83
C GLY B 59 10.42 -10.78 -4.53
N ASP B 60 10.61 -12.09 -4.40
CA ASP B 60 9.55 -12.95 -3.93
C ASP B 60 9.32 -12.67 -2.46
N VAL B 61 8.06 -12.81 -2.04
CA VAL B 61 7.68 -12.46 -0.68
C VAL B 61 7.02 -13.60 0.04
N VAL B 62 7.52 -13.90 1.25
CA VAL B 62 6.80 -14.79 2.14
C VAL B 62 6.19 -13.96 3.24
N MET B 63 4.86 -13.97 3.35
CA MET B 63 4.18 -13.31 4.43
C MET B 63 3.97 -14.34 5.52
N PHE B 64 4.83 -14.30 6.53
CA PHE B 64 4.72 -15.22 7.66
C PHE B 64 3.93 -14.62 8.80
N ASP B 65 3.11 -15.45 9.44
CA ASP B 65 2.56 -15.07 10.75
C ASP B 65 2.25 -16.31 11.56
N VAL B 66 2.35 -16.21 12.90
CA VAL B 66 1.93 -17.32 13.74
C VAL B 66 0.41 -17.53 13.68
N VAL B 67 -0.32 -16.47 13.33
CA VAL B 67 -1.78 -16.58 13.13
C VAL B 67 -2.10 -17.34 11.86
N LYS B 68 -2.94 -18.37 11.96
CA LYS B 68 -3.27 -19.23 10.81
C LYS B 68 -4.11 -18.51 9.77
N ASN B 69 -3.81 -18.81 8.50
CA ASN B 69 -4.62 -18.47 7.33
C ASN B 69 -4.61 -17.00 6.89
N MET B 70 -4.68 -16.08 7.83
CA MET B 70 -4.65 -14.65 7.51
C MET B 70 -3.51 -14.25 6.53
N PRO B 71 -2.28 -14.71 6.78
CA PRO B 71 -1.25 -14.26 5.83
C PRO B 71 -1.43 -14.86 4.45
N GLN B 72 -1.94 -16.09 4.35
CA GLN B 72 -2.22 -16.67 3.05
C GLN B 72 -3.28 -15.85 2.31
N GLY B 73 -4.27 -15.34 3.04
CA GLY B 73 -5.30 -14.51 2.44
C GLY B 73 -4.75 -13.19 1.91
N LYS B 74 -3.98 -12.52 2.77
CA LYS B 74 -3.34 -11.28 2.34
C LYS B 74 -2.43 -11.52 1.12
N ALA B 75 -1.68 -12.62 1.15
CA ALA B 75 -0.79 -12.95 0.04
C ALA B 75 -1.55 -13.17 -1.25
N LEU B 76 -2.68 -13.87 -1.17
CA LEU B 76 -3.48 -14.12 -2.37
C LEU B 76 -3.95 -12.80 -2.96
N ASP B 77 -4.56 -11.94 -2.13
CA ASP B 77 -4.94 -10.59 -2.60
C ASP B 77 -3.77 -9.84 -3.27
N THR B 78 -2.66 -9.75 -2.56
CA THR B 78 -1.51 -8.97 -3.02
C THR B 78 -0.95 -9.52 -4.33
N SER B 79 -0.96 -10.85 -4.48
CA SER B 79 -0.36 -11.45 -5.67
C SER B 79 -1.02 -10.97 -6.97
N HIS B 80 -2.32 -10.71 -6.94
CA HIS B 80 -2.99 -10.26 -8.15
C HIS B 80 -2.50 -8.90 -8.62
N SER B 81 -2.00 -8.08 -7.69
CA SER B 81 -1.51 -6.73 -8.05
C SER B 81 -0.25 -6.76 -8.94
N ASN B 82 0.39 -7.92 -9.05
CA ASN B 82 1.47 -8.08 -10.03
C ASN B 82 1.04 -7.66 -11.43
N VAL B 83 -0.22 -7.91 -11.77
CA VAL B 83 -0.70 -7.58 -13.10
C VAL B 83 -0.69 -6.07 -13.31
N MET B 84 -1.25 -5.34 -12.37
CA MET B 84 -1.30 -3.89 -12.47
C MET B 84 0.09 -3.28 -12.43
N ALA B 85 1.00 -3.90 -11.68
CA ALA B 85 2.33 -3.34 -11.51
C ALA B 85 3.35 -3.71 -12.60
N TYR B 86 2.96 -4.60 -13.53
CA TYR B 86 3.86 -5.23 -14.50
C TYR B 86 5.04 -5.90 -13.79
N SER B 87 4.79 -6.48 -12.64
CA SER B 87 5.84 -7.16 -11.88
C SER B 87 5.70 -8.68 -11.94
N ASN B 88 6.68 -9.38 -11.40
CA ASN B 88 6.52 -10.83 -11.25
C ASN B 88 7.19 -11.31 -9.98
N CYS B 89 6.55 -10.97 -8.86
CA CYS B 89 6.95 -11.43 -7.54
C CYS B 89 5.98 -12.50 -7.03
N LYS B 90 6.49 -13.67 -6.67
CA LYS B 90 5.62 -14.62 -5.99
C LYS B 90 5.32 -14.10 -4.60
N VAL B 91 4.04 -14.06 -4.22
CA VAL B 91 3.67 -13.67 -2.86
C VAL B 91 2.93 -14.83 -2.22
N THR B 92 3.50 -15.41 -1.17
CA THR B 92 2.87 -16.56 -0.52
C THR B 92 2.69 -16.26 0.95
N GLY B 93 1.79 -16.99 1.61
CA GLY B 93 1.63 -16.90 3.05
C GLY B 93 2.17 -18.15 3.72
N SER B 94 2.55 -18.01 4.99
CA SER B 94 3.15 -19.10 5.74
C SER B 94 2.86 -19.01 7.24
N ASN B 95 2.64 -20.16 7.87
CA ASN B 95 2.61 -20.23 9.32
C ASN B 95 3.74 -21.12 9.82
N SER B 96 4.77 -21.28 9.01
CA SER B 96 5.91 -22.13 9.36
C SER B 96 7.23 -21.39 9.30
N TYR B 97 7.99 -21.41 10.39
CA TYR B 97 9.29 -20.76 10.40
C TYR B 97 10.26 -21.44 9.41
N ASP B 98 9.93 -22.66 8.99
CA ASP B 98 10.77 -23.36 8.02
C ASP B 98 10.89 -22.60 6.71
N ASP B 99 9.94 -21.70 6.45
CA ASP B 99 10.00 -20.93 5.22
C ASP B 99 11.01 -19.78 5.28
N LEU B 100 11.73 -19.65 6.39
CA LEU B 100 12.88 -18.74 6.43
C LEU B 100 14.04 -19.27 5.58
N LYS B 101 13.98 -20.55 5.21
CA LYS B 101 15.07 -21.18 4.46
C LYS B 101 15.46 -20.36 3.23
N GLY B 102 16.73 -19.99 3.12
CA GLY B 102 17.24 -19.27 1.97
C GLY B 102 16.76 -17.84 1.81
N ALA B 103 16.25 -17.25 2.88
CA ALA B 103 15.87 -15.84 2.82
C ALA B 103 17.09 -14.96 2.58
N ASP B 104 16.94 -13.97 1.72
CA ASP B 104 17.98 -12.97 1.52
C ASP B 104 17.75 -11.78 2.45
N VAL B 105 16.48 -11.47 2.69
CA VAL B 105 16.15 -10.38 3.63
C VAL B 105 15.06 -10.87 4.56
N VAL B 106 15.20 -10.59 5.86
CA VAL B 106 14.17 -10.95 6.84
C VAL B 106 13.73 -9.69 7.58
N ILE B 107 12.43 -9.40 7.57
CA ILE B 107 11.95 -8.19 8.21
C ILE B 107 11.03 -8.60 9.35
N VAL B 108 11.40 -8.24 10.58
CA VAL B 108 10.67 -8.69 11.76
C VAL B 108 9.79 -7.59 12.36
N THR B 109 8.48 -7.73 12.20
CA THR B 109 7.51 -6.81 12.78
C THR B 109 6.68 -7.48 13.86
N ALA B 110 6.70 -8.81 13.91
CA ALA B 110 5.85 -9.54 14.84
C ALA B 110 6.17 -9.25 16.31
N GLY B 111 5.14 -9.23 17.15
CA GLY B 111 5.34 -9.06 18.57
C GLY B 111 4.14 -8.44 19.24
N PHE B 112 4.08 -8.54 20.56
CA PHE B 112 2.99 -7.94 21.32
C PHE B 112 3.09 -6.43 21.34
N THR B 113 1.95 -5.77 21.15
CA THR B 113 1.85 -4.32 21.28
C THR B 113 0.77 -3.92 22.29
N LYS B 114 -0.12 -4.85 22.64
CA LYS B 114 -1.25 -4.50 23.49
C LYS B 114 -1.27 -5.31 24.79
N ALA B 115 -2.07 -4.86 25.74
CA ALA B 115 -2.18 -5.49 27.06
C ALA B 115 -2.79 -6.89 26.97
N ASN B 124 1.39 -1.05 31.76
CA ASN B 124 2.78 -0.71 31.48
C ASN B 124 3.30 -1.45 30.25
N ARG B 125 3.91 -0.70 29.33
CA ARG B 125 4.48 -1.29 28.12
C ARG B 125 5.68 -2.18 28.44
N ASP B 126 6.40 -1.87 29.52
CA ASP B 126 7.54 -2.69 29.95
C ASP B 126 7.14 -4.16 30.16
N ASP B 127 5.87 -4.38 30.52
CA ASP B 127 5.34 -5.73 30.75
C ASP B 127 5.43 -6.59 29.49
N LEU B 128 5.54 -5.95 28.33
CA LEU B 128 5.62 -6.69 27.08
C LEU B 128 7.03 -7.16 26.78
N LEU B 129 8.02 -6.62 27.49
CA LEU B 129 9.42 -6.94 27.14
C LEU B 129 9.77 -8.43 27.27
N PRO B 130 9.38 -9.09 28.37
CA PRO B 130 9.75 -10.52 28.41
C PRO B 130 9.02 -11.37 27.38
N LEU B 131 7.82 -10.99 27.00
CA LEU B 131 7.10 -11.74 25.98
C LEU B 131 7.83 -11.63 24.65
N ASN B 132 8.15 -10.39 24.28
CA ASN B 132 8.77 -10.16 22.98
C ASN B 132 10.20 -10.69 22.95
N ASN B 133 10.90 -10.65 24.09
CA ASN B 133 12.19 -11.31 24.16
C ASN B 133 12.04 -12.78 23.76
N LYS B 134 11.00 -13.46 24.28
CA LYS B 134 10.85 -14.86 23.97
C LYS B 134 10.68 -15.04 22.47
N ILE B 135 9.92 -14.12 21.87
CA ILE B 135 9.68 -14.20 20.44
C ILE B 135 11.01 -14.02 19.70
N MET B 136 11.81 -13.04 20.16
CA MET B 136 13.08 -12.80 19.48
C MET B 136 13.96 -14.02 19.62
N ILE B 137 13.83 -14.75 20.72
CA ILE B 137 14.70 -15.91 20.90
C ILE B 137 14.29 -16.94 19.84
N GLU B 138 12.98 -17.12 19.70
CA GLU B 138 12.48 -18.17 18.81
C GLU B 138 12.92 -17.89 17.37
N ILE B 139 12.60 -16.69 16.91
CA ILE B 139 13.00 -16.25 15.59
C ILE B 139 14.49 -16.41 15.39
N GLY B 140 15.28 -16.03 16.41
CA GLY B 140 16.73 -16.02 16.25
C GLY B 140 17.20 -17.43 15.95
N GLY B 141 16.58 -18.38 16.67
CA GLY B 141 17.01 -19.76 16.56
C GLY B 141 16.80 -20.25 15.13
N HIS B 142 15.71 -19.79 14.52
CA HIS B 142 15.42 -20.26 13.17
C HIS B 142 16.34 -19.58 12.17
N ILE B 143 16.67 -18.31 12.41
CA ILE B 143 17.51 -17.59 11.44
C ILE B 143 18.88 -18.29 11.41
N LYS B 144 19.38 -18.56 12.60
CA LYS B 144 20.66 -19.22 12.77
C LYS B 144 20.69 -20.51 11.98
N ASN B 145 19.56 -21.22 11.98
CA ASN B 145 19.57 -22.54 11.37
C ASN B 145 19.24 -22.50 9.90
N LEU B 146 18.50 -21.47 9.47
CA LEU B 146 17.84 -21.61 8.16
C LEU B 146 18.25 -20.54 7.15
N CYS B 147 18.67 -19.39 7.67
CA CYS B 147 19.12 -18.32 6.78
C CYS B 147 20.17 -17.44 7.46
N PRO B 148 21.30 -18.06 7.87
CA PRO B 148 22.31 -17.28 8.60
C PRO B 148 22.97 -16.18 7.78
N ASN B 149 22.84 -16.21 6.45
CA ASN B 149 23.41 -15.15 5.64
C ASN B 149 22.41 -14.05 5.27
N ALA B 150 21.22 -14.09 5.85
CA ALA B 150 20.21 -13.09 5.56
C ALA B 150 20.56 -11.73 6.15
N PHE B 151 20.07 -10.68 5.51
CA PHE B 151 20.11 -9.32 6.07
C PHE B 151 18.82 -9.10 6.86
N ILE B 152 18.96 -8.69 8.11
CA ILE B 152 17.83 -8.65 9.03
C ILE B 152 17.46 -7.22 9.39
N ILE B 153 16.19 -6.87 9.22
CA ILE B 153 15.70 -5.56 9.67
C ILE B 153 14.66 -5.79 10.76
N VAL B 154 14.91 -5.24 11.94
CA VAL B 154 13.99 -5.41 13.08
C VAL B 154 13.13 -4.16 13.28
N VAL B 155 11.82 -4.38 13.49
CA VAL B 155 10.86 -3.30 13.64
C VAL B 155 10.14 -3.36 14.99
N THR B 156 9.99 -4.57 15.52
CA THR B 156 9.30 -4.79 16.80
C THR B 156 9.75 -3.83 17.89
N ASN B 157 8.82 -3.15 18.55
CA ASN B 157 9.24 -2.17 19.56
C ASN B 157 9.38 -2.74 20.98
N PRO B 158 10.27 -2.13 21.80
CA PRO B 158 11.17 -1.01 21.48
C PRO B 158 12.35 -1.50 20.67
N VAL B 159 12.54 -0.91 19.50
CA VAL B 159 13.35 -1.53 18.48
C VAL B 159 14.82 -1.62 18.88
N ASP B 160 15.32 -0.61 19.61
CA ASP B 160 16.75 -0.63 19.92
C ASP B 160 17.09 -1.75 20.91
N VAL B 161 16.12 -2.21 21.68
CA VAL B 161 16.28 -3.38 22.55
C VAL B 161 16.14 -4.68 21.74
N MET B 162 15.02 -4.75 21.01
CA MET B 162 14.66 -5.98 20.29
C MET B 162 15.70 -6.37 19.25
N VAL B 163 16.28 -5.37 18.60
CA VAL B 163 17.25 -5.65 17.55
C VAL B 163 18.49 -6.29 18.17
N GLN B 164 18.88 -5.84 19.37
CA GLN B 164 20.04 -6.46 20.02
C GLN B 164 19.69 -7.86 20.48
N LEU B 165 18.48 -8.07 21.00
CA LEU B 165 18.11 -9.43 21.40
C LEU B 165 18.16 -10.41 20.22
N LEU B 166 17.64 -9.97 19.08
CA LEU B 166 17.67 -10.84 17.89
C LEU B 166 19.10 -11.04 17.39
N PHE B 167 19.93 -9.99 17.44
CA PHE B 167 21.35 -10.12 17.13
C PHE B 167 21.99 -11.21 17.98
N GLU B 168 21.70 -11.17 19.29
CA GLU B 168 22.34 -12.09 20.20
C GLU B 168 21.90 -13.52 19.95
N HIS B 169 20.65 -13.71 19.58
CA HIS B 169 20.18 -15.09 19.45
C HIS B 169 20.20 -15.67 18.03
N SER B 170 20.50 -14.84 17.04
CA SER B 170 20.56 -15.28 15.65
C SER B 170 21.97 -15.62 15.22
N GLY B 171 22.96 -15.04 15.89
CA GLY B 171 24.35 -15.26 15.52
C GLY B 171 24.82 -14.57 14.25
N VAL B 172 23.97 -13.75 13.61
CA VAL B 172 24.37 -13.05 12.39
C VAL B 172 25.41 -11.98 12.71
N PRO B 173 26.28 -11.65 11.74
CA PRO B 173 27.30 -10.61 11.93
C PRO B 173 26.68 -9.26 12.21
N LYS B 174 27.41 -8.40 12.94
CA LYS B 174 26.89 -7.08 13.29
C LYS B 174 26.57 -6.20 12.08
N ASN B 175 27.20 -6.47 10.94
CA ASN B 175 26.91 -5.66 9.75
C ASN B 175 25.68 -6.17 8.98
N LYS B 176 25.02 -7.19 9.53
CA LYS B 176 23.91 -7.81 8.82
C LYS B 176 22.57 -7.69 9.55
N ILE B 177 22.52 -6.88 10.61
CA ILE B 177 21.26 -6.68 11.29
C ILE B 177 21.14 -5.24 11.77
N ILE B 178 20.01 -4.62 11.46
CA ILE B 178 19.76 -3.25 11.88
C ILE B 178 18.32 -3.09 12.33
N GLY B 179 18.04 -1.99 13.01
CA GLY B 179 16.68 -1.69 13.43
C GLY B 179 16.13 -0.44 12.77
N LEU B 180 14.82 -0.46 12.53
CA LEU B 180 14.12 0.71 12.01
C LEU B 180 14.06 1.81 13.06
N GLY B 181 14.37 3.03 12.66
CA GLY B 181 14.15 4.16 13.55
C GLY B 181 14.26 5.47 12.81
N GLY B 182 15.51 5.87 12.56
CA GLY B 182 15.79 7.18 11.99
C GLY B 182 15.15 7.49 10.65
N VAL B 183 15.03 6.51 9.75
CA VAL B 183 14.43 6.80 8.46
C VAL B 183 12.96 7.25 8.65
N LEU B 184 12.25 6.54 9.54
CA LEU B 184 10.88 6.91 9.83
C LEU B 184 10.73 8.26 10.57
N ASP B 185 11.47 8.39 11.67
CA ASP B 185 11.39 9.60 12.48
C ASP B 185 11.77 10.86 11.66
N THR B 186 12.86 10.74 10.91
CA THR B 186 13.31 11.87 10.11
C THR B 186 12.33 12.10 8.96
N SER B 187 11.65 11.06 8.46
CA SER B 187 10.63 11.35 7.43
C SER B 187 9.57 12.27 8.01
N ARG B 188 9.19 12.07 9.28
CA ARG B 188 8.24 13.05 9.84
C ARG B 188 8.81 14.48 9.90
N LEU B 189 10.02 14.59 10.46
CA LEU B 189 10.63 15.95 10.57
C LEU B 189 10.81 16.68 9.21
N LYS B 190 11.39 15.96 8.25
CA LYS B 190 11.55 16.44 6.88
C LYS B 190 10.21 16.86 6.31
N TYR B 191 9.19 16.02 6.44
CA TYR B 191 7.91 16.38 5.85
C TYR B 191 7.33 17.68 6.45
N TYR B 192 7.30 17.76 7.78
CA TYR B 192 6.69 18.94 8.40
C TYR B 192 7.42 20.26 8.04
N ILE B 193 8.76 20.18 8.07
CA ILE B 193 9.55 21.34 7.65
C ILE B 193 9.20 21.70 6.20
N SER B 194 9.16 20.69 5.34
CA SER B 194 8.92 20.92 3.92
C SER B 194 7.57 21.60 3.70
N GLN B 195 6.58 21.27 4.52
CA GLN B 195 5.28 21.88 4.32
C GLN B 195 5.29 23.33 4.80
N LYS B 196 5.98 23.61 5.91
CA LYS B 196 6.07 25.01 6.33
C LYS B 196 6.80 25.89 5.29
N LEU B 197 7.84 25.34 4.68
CA LEU B 197 8.67 26.10 3.74
C LEU B 197 8.23 25.99 2.26
N ASN B 198 7.23 25.16 2.01
CA ASN B 198 6.71 24.94 0.66
CA ASN B 198 6.69 24.90 0.66
C ASN B 198 7.76 24.44 -0.33
N VAL B 199 8.49 23.40 0.06
CA VAL B 199 9.44 22.76 -0.85
C VAL B 199 9.18 21.25 -0.88
N CYS B 200 9.84 20.59 -1.82
CA CYS B 200 9.79 19.13 -1.93
C CYS B 200 10.23 18.46 -0.63
N PRO B 201 9.43 17.54 -0.08
CA PRO B 201 9.81 16.87 1.16
C PRO B 201 11.22 16.26 1.16
N ARG B 202 11.60 15.60 0.07
CA ARG B 202 12.90 14.96 -0.01
C ARG B 202 14.05 15.98 0.02
N ASP B 203 13.75 17.24 -0.26
CA ASP B 203 14.82 18.24 -0.27
C ASP B 203 15.17 18.73 1.12
N VAL B 204 14.38 18.34 2.12
CA VAL B 204 14.77 18.61 3.50
C VAL B 204 15.61 17.45 4.00
N ASN B 205 16.76 17.74 4.58
CA ASN B 205 17.51 16.67 5.22
C ASN B 205 17.64 16.94 6.70
N ALA B 206 17.64 15.87 7.49
CA ALA B 206 17.67 15.99 8.93
C ALA B 206 18.13 14.68 9.53
N LEU B 207 18.71 14.78 10.71
CA LEU B 207 19.20 13.61 11.43
C LEU B 207 18.54 13.52 12.80
N ILE B 208 18.05 12.33 13.14
CA ILE B 208 17.53 12.03 14.46
C ILE B 208 18.20 10.75 14.93
N VAL B 209 18.81 10.78 16.12
CA VAL B 209 19.70 9.68 16.52
C VAL B 209 19.40 9.19 17.93
N GLY B 210 20.19 8.21 18.39
CA GLY B 210 20.10 7.72 19.76
C GLY B 210 19.20 6.51 19.90
N ALA B 211 17.90 6.76 19.80
CA ALA B 211 16.91 5.69 19.92
C ALA B 211 15.65 6.07 19.16
N HIS B 212 14.90 5.06 18.77
CA HIS B 212 13.55 5.27 18.27
C HIS B 212 12.73 5.50 19.53
N GLY B 213 11.63 6.23 19.46
CA GLY B 213 10.83 6.43 20.66
C GLY B 213 11.01 7.81 21.28
N ASN B 214 10.41 8.01 22.45
CA ASN B 214 10.30 9.35 23.04
C ASN B 214 11.61 10.01 23.41
N LYS B 215 12.69 9.23 23.47
CA LYS B 215 14.00 9.80 23.79
C LYS B 215 14.81 10.11 22.54
N MET B 216 14.18 10.01 21.37
CA MET B 216 14.88 10.31 20.10
C MET B 216 15.58 11.68 20.17
N VAL B 217 16.76 11.77 19.58
CA VAL B 217 17.54 13.02 19.67
C VAL B 217 17.44 13.80 18.37
N LEU B 218 16.73 14.91 18.40
CA LEU B 218 16.53 15.73 17.21
C LEU B 218 17.68 16.74 17.15
N LEU B 219 18.39 16.74 16.04
CA LEU B 219 19.59 17.59 15.95
C LEU B 219 19.32 18.83 15.10
N LYS B 220 18.98 19.93 15.76
CA LYS B 220 18.56 21.14 15.05
C LYS B 220 19.67 21.66 14.14
N ARG B 221 20.90 21.51 14.63
CA ARG B 221 22.12 21.92 13.94
C ARG B 221 22.28 21.28 12.55
N TYR B 222 21.72 20.09 12.39
CA TYR B 222 21.92 19.27 11.18
C TYR B 222 20.74 19.26 10.21
N ILE B 223 19.91 20.30 10.26
CA ILE B 223 18.80 20.37 9.31
C ILE B 223 19.15 21.27 8.14
N THR B 224 18.94 20.77 6.93
CA THR B 224 19.18 21.56 5.74
C THR B 224 17.97 21.49 4.81
N VAL B 225 17.87 22.49 3.93
CA VAL B 225 16.76 22.59 2.99
C VAL B 225 17.37 22.88 1.63
N GLY B 226 17.28 21.93 0.70
CA GLY B 226 17.96 22.08 -0.58
C GLY B 226 19.46 22.26 -0.38
N GLY B 227 19.97 21.72 0.72
CA GLY B 227 21.39 21.76 1.01
C GLY B 227 21.79 22.97 1.84
N ILE B 228 20.82 23.84 2.09
CA ILE B 228 21.04 25.11 2.79
C ILE B 228 20.69 24.99 4.28
N PRO B 229 21.56 25.49 5.18
CA PRO B 229 21.22 25.38 6.60
C PRO B 229 19.87 26.00 6.94
N LEU B 230 19.07 25.30 7.77
CA LEU B 230 17.76 25.79 8.21
C LEU B 230 17.83 27.21 8.79
N GLN B 231 18.94 27.49 9.46
CA GLN B 231 19.14 28.77 10.12
C GLN B 231 19.01 29.92 9.13
N GLU B 232 19.37 29.71 7.87
CA GLU B 232 19.21 30.80 6.89
C GLU B 232 17.73 31.12 6.70
N PHE B 233 16.89 30.09 6.75
CA PHE B 233 15.45 30.27 6.61
C PHE B 233 14.84 30.90 7.85
N ILE B 234 15.40 30.57 9.00
CA ILE B 234 14.97 31.22 10.24
C ILE B 234 15.32 32.70 10.24
N ASN B 235 16.56 33.01 9.85
CA ASN B 235 17.03 34.39 9.69
C ASN B 235 16.15 35.20 8.74
N ASN B 236 15.72 34.57 7.65
CA ASN B 236 14.86 35.21 6.66
C ASN B 236 13.39 35.23 7.07
N LYS B 237 13.11 34.76 8.28
CA LYS B 237 11.76 34.74 8.83
C LYS B 237 10.77 33.91 8.00
N LYS B 238 11.27 32.85 7.36
CA LYS B 238 10.40 31.91 6.66
C LYS B 238 9.85 30.89 7.65
N ILE B 239 10.52 30.77 8.79
CA ILE B 239 10.11 29.86 9.85
C ILE B 239 10.77 30.35 11.14
N THR B 240 10.08 30.21 12.27
CA THR B 240 10.64 30.70 13.53
C THR B 240 11.20 29.58 14.36
N ASP B 241 12.01 29.94 15.36
CA ASP B 241 12.52 28.96 16.32
C ASP B 241 11.38 28.26 17.04
N GLU B 242 10.35 29.04 17.38
CA GLU B 242 9.16 28.51 18.03
C GLU B 242 8.47 27.45 17.17
N GLU B 243 8.30 27.77 15.89
CA GLU B 243 7.69 26.83 14.94
C GLU B 243 8.53 25.58 14.78
N VAL B 244 9.85 25.74 14.76
CA VAL B 244 10.75 24.59 14.68
C VAL B 244 10.60 23.70 15.91
N GLU B 245 10.53 24.32 17.09
CA GLU B 245 10.34 23.51 18.29
C GLU B 245 9.01 22.76 18.25
N GLY B 246 7.97 23.43 17.73
CA GLY B 246 6.69 22.78 17.55
C GLY B 246 6.77 21.58 16.63
N ILE B 247 7.54 21.72 15.55
CA ILE B 247 7.72 20.63 14.60
C ILE B 247 8.55 19.48 15.22
N PHE B 248 9.52 19.81 16.07
CA PHE B 248 10.26 18.79 16.80
C PHE B 248 9.31 17.98 17.68
N ASP B 249 8.51 18.71 18.47
CA ASP B 249 7.55 18.02 19.33
C ASP B 249 6.58 17.18 18.52
N ARG B 250 6.16 17.67 17.35
CA ARG B 250 5.19 16.93 16.56
C ARG B 250 5.82 15.66 16.00
N THR B 251 7.07 15.75 15.60
CA THR B 251 7.86 14.59 15.20
C THR B 251 7.91 13.54 16.31
N VAL B 252 8.26 13.96 17.51
CA VAL B 252 8.28 13.02 18.62
C VAL B 252 6.89 12.41 18.87
N ASN B 253 5.86 13.24 18.72
CA ASN B 253 4.50 12.86 19.09
C ASN B 253 3.67 12.23 17.97
N THR B 254 4.26 12.00 16.81
CA THR B 254 3.47 11.62 15.62
C THR B 254 2.69 10.31 15.78
N ALA B 255 3.34 9.28 16.33
CA ALA B 255 2.66 8.00 16.50
C ALA B 255 1.41 8.17 17.38
N LEU B 256 1.58 8.89 18.49
CA LEU B 256 0.47 9.17 19.39
C LEU B 256 -0.60 10.00 18.71
N GLU B 257 -0.19 10.99 17.92
CA GLU B 257 -1.16 11.80 17.19
C GLU B 257 -2.02 10.95 16.24
N ILE B 258 -1.38 10.01 15.56
CA ILE B 258 -2.11 9.12 14.63
C ILE B 258 -3.05 8.17 15.38
N VAL B 259 -2.56 7.58 16.47
CA VAL B 259 -3.40 6.70 17.27
C VAL B 259 -4.59 7.43 17.92
N ASN B 260 -4.37 8.67 18.37
CA ASN B 260 -5.45 9.45 18.95
C ASN B 260 -6.55 9.77 17.93
N LEU B 261 -6.16 9.77 16.65
CA LEU B 261 -7.11 9.98 15.55
C LEU B 261 -7.77 8.67 15.08
N LEU B 262 -7.62 7.61 15.86
CA LEU B 262 -8.25 6.31 15.59
C LEU B 262 -7.69 5.65 14.34
N ALA B 263 -6.41 5.90 14.07
CA ALA B 263 -5.67 5.21 13.02
C ALA B 263 -4.42 4.58 13.64
N SER B 264 -3.55 4.06 12.79
CA SER B 264 -2.29 3.49 13.26
C SER B 264 -1.22 3.71 12.20
N PRO B 265 0.02 4.01 12.62
CA PRO B 265 1.03 4.26 11.60
C PRO B 265 1.52 2.96 10.99
N TYR B 266 1.29 2.79 9.69
CA TYR B 266 1.89 1.66 9.01
C TYR B 266 2.33 1.95 7.59
N VAL B 267 1.80 3.00 6.97
CA VAL B 267 2.24 3.30 5.61
C VAL B 267 3.67 3.85 5.58
N ALA B 268 3.92 4.90 6.36
CA ALA B 268 5.27 5.46 6.39
C ALA B 268 6.29 4.49 6.98
N PRO B 269 5.95 3.76 8.07
CA PRO B 269 6.90 2.73 8.53
C PRO B 269 7.27 1.72 7.43
N ALA B 270 6.26 1.19 6.74
CA ALA B 270 6.54 0.26 5.65
C ALA B 270 7.42 0.88 4.56
N ALA B 271 7.12 2.12 4.16
CA ALA B 271 7.93 2.75 3.13
C ALA B 271 9.39 2.94 3.60
N ALA B 272 9.57 3.27 4.87
CA ALA B 272 10.91 3.46 5.41
C ALA B 272 11.71 2.14 5.39
N ILE B 273 11.02 1.07 5.82
CA ILE B 273 11.65 -0.24 5.84
C ILE B 273 12.03 -0.68 4.42
N ILE B 274 11.14 -0.45 3.47
CA ILE B 274 11.42 -0.87 2.11
C ILE B 274 12.57 -0.01 1.54
N GLU B 275 12.68 1.26 1.95
CA GLU B 275 13.82 2.06 1.48
C GLU B 275 15.13 1.42 1.98
N MET B 276 15.12 1.01 3.25
CA MET B 276 16.31 0.32 3.78
C MET B 276 16.65 -0.99 3.02
N ALA B 277 15.62 -1.82 2.84
CA ALA B 277 15.81 -3.13 2.23
C ALA B 277 16.30 -2.97 0.80
N GLU B 278 15.73 -2.01 0.09
CA GLU B 278 16.10 -1.78 -1.30
C GLU B 278 17.53 -1.28 -1.39
N SER B 279 17.95 -0.45 -0.42
CA SER B 279 19.34 0.00 -0.45
C SER B 279 20.28 -1.19 -0.32
N TYR B 280 19.90 -2.16 0.52
CA TYR B 280 20.68 -3.40 0.56
C TYR B 280 20.63 -4.23 -0.74
N LEU B 281 19.43 -4.53 -1.20
CA LEU B 281 19.24 -5.44 -2.33
C LEU B 281 19.85 -4.92 -3.63
N LYS B 282 19.86 -3.59 -3.81
CA LYS B 282 20.35 -3.00 -5.05
C LYS B 282 21.69 -2.31 -4.86
N ASP B 283 22.30 -2.49 -3.69
CA ASP B 283 23.64 -1.94 -3.39
C ASP B 283 23.71 -0.44 -3.69
N ILE B 284 22.77 0.32 -3.16
CA ILE B 284 22.66 1.74 -3.47
C ILE B 284 23.61 2.58 -2.62
N LYS B 285 23.93 2.08 -1.43
CA LYS B 285 24.82 2.77 -0.48
C LYS B 285 24.23 4.10 -0.03
N LYS B 286 22.92 4.10 0.20
CA LYS B 286 22.30 5.28 0.81
C LYS B 286 22.78 5.49 2.24
N VAL B 287 22.84 6.76 2.62
CA VAL B 287 23.05 7.11 4.03
C VAL B 287 21.68 7.14 4.71
N LEU B 288 21.48 6.24 5.67
CA LEU B 288 20.20 6.07 6.34
C LEU B 288 20.44 5.91 7.82
N VAL B 289 19.67 6.64 8.63
CA VAL B 289 19.84 6.51 10.08
C VAL B 289 19.09 5.29 10.60
N CYS B 290 19.82 4.32 11.13
CA CYS B 290 19.20 3.08 11.64
C CYS B 290 19.83 2.68 12.96
N SER B 291 19.20 1.72 13.64
CA SER B 291 19.77 1.21 14.89
C SER B 291 20.84 0.17 14.59
N THR B 292 22.01 0.36 15.16
CA THR B 292 23.12 -0.53 14.88
C THR B 292 23.96 -0.75 16.14
N LEU B 293 24.77 -1.81 16.15
CA LEU B 293 25.61 -2.11 17.30
C LEU B 293 26.68 -1.03 17.48
N LEU B 294 26.69 -0.41 18.65
CA LEU B 294 27.70 0.58 18.98
C LEU B 294 28.90 -0.15 19.57
N GLU B 295 30.07 0.22 19.08
CA GLU B 295 31.33 -0.34 19.57
C GLU B 295 32.26 0.77 20.02
N GLY B 296 31.76 1.68 20.83
CA GLY B 296 32.58 2.79 21.31
C GLY B 296 32.12 4.14 20.78
N GLN B 297 31.36 4.16 19.69
CA GLN B 297 30.85 5.44 19.16
C GLN B 297 29.97 6.12 20.19
N TYR B 298 30.09 7.43 20.27
CA TYR B 298 29.35 8.24 21.24
C TYR B 298 29.62 7.82 22.68
N GLY B 299 30.67 7.04 22.88
CA GLY B 299 31.08 6.61 24.22
C GLY B 299 30.30 5.42 24.76
N HIS B 300 29.71 4.63 23.87
CA HIS B 300 28.90 3.49 24.29
C HIS B 300 29.27 2.21 23.56
N SER B 301 29.21 1.10 24.29
CA SER B 301 29.44 -0.23 23.70
C SER B 301 28.38 -1.24 24.18
N ASN B 302 28.29 -2.37 23.50
CA ASN B 302 27.41 -3.47 23.91
C ASN B 302 25.94 -3.04 23.98
N ILE B 303 25.56 -2.18 23.06
CA ILE B 303 24.21 -1.63 23.02
C ILE B 303 23.96 -1.19 21.58
N PHE B 304 22.70 -1.26 21.14
CA PHE B 304 22.35 -0.74 19.81
C PHE B 304 21.82 0.67 19.95
N GLY B 305 22.11 1.52 18.97
CA GLY B 305 21.52 2.84 18.95
C GLY B 305 21.44 3.42 17.54
N GLY B 306 20.63 4.46 17.39
CA GLY B 306 20.39 5.05 16.08
C GLY B 306 21.51 5.99 15.65
N THR B 307 22.05 5.73 14.46
CA THR B 307 23.12 6.58 13.91
C THR B 307 23.09 6.48 12.39
N PRO B 308 23.58 7.53 11.70
CA PRO B 308 23.68 7.39 10.24
C PRO B 308 24.59 6.23 9.86
N LEU B 309 24.13 5.44 8.90
CA LEU B 309 24.83 4.26 8.41
C LEU B 309 24.81 4.29 6.90
N VAL B 310 25.73 3.55 6.27
CA VAL B 310 25.63 3.37 4.83
C VAL B 310 25.19 1.94 4.56
N ILE B 311 24.06 1.79 3.86
CA ILE B 311 23.55 0.45 3.58
C ILE B 311 23.82 0.07 2.14
N GLY B 312 24.65 -0.95 1.94
CA GLY B 312 25.00 -1.40 0.60
C GLY B 312 24.85 -2.89 0.47
N GLY B 313 25.40 -3.46 -0.59
CA GLY B 313 25.27 -4.88 -0.87
C GLY B 313 25.88 -5.82 0.16
N THR B 314 26.79 -5.33 0.99
CA THR B 314 27.36 -6.19 2.03
C THR B 314 26.68 -5.94 3.39
N GLY B 315 25.62 -5.14 3.40
CA GLY B 315 24.95 -4.82 4.65
C GLY B 315 25.37 -3.43 5.10
N VAL B 316 25.64 -3.28 6.39
CA VAL B 316 26.14 -2.01 6.93
C VAL B 316 27.59 -1.84 6.51
N GLU B 317 27.83 -0.92 5.57
CA GLU B 317 29.17 -0.75 5.01
C GLU B 317 29.98 0.28 5.78
N GLN B 318 29.28 1.21 6.41
CA GLN B 318 29.90 2.26 7.22
C GLN B 318 28.97 2.63 8.37
N VAL B 319 29.54 2.82 9.55
CA VAL B 319 28.80 3.41 10.66
C VAL B 319 29.37 4.80 10.86
N ILE B 320 28.55 5.82 10.66
CA ILE B 320 29.05 7.19 10.73
C ILE B 320 28.80 7.77 12.11
N GLU B 321 29.86 8.19 12.79
CA GLU B 321 29.73 8.79 14.10
C GLU B 321 29.68 10.30 13.96
N LEU B 322 28.53 10.90 14.29
CA LEU B 322 28.38 12.35 14.26
C LEU B 322 29.24 13.02 15.32
N GLN B 323 29.80 14.16 14.95
CA GLN B 323 30.61 14.94 15.87
C GLN B 323 29.72 15.84 16.72
N LEU B 324 29.00 15.18 17.62
CA LEU B 324 28.06 15.87 18.51
C LEU B 324 28.75 16.80 19.51
N ASN B 325 28.07 17.90 19.85
CA ASN B 325 28.56 18.76 20.92
C ASN B 325 28.08 18.18 22.26
N ALA B 326 28.49 18.80 23.36
CA ALA B 326 28.23 18.24 24.68
C ALA B 326 26.75 18.04 24.99
N GLU B 327 25.92 19.01 24.62
CA GLU B 327 24.48 18.92 24.92
C GLU B 327 23.83 17.78 24.12
N GLU B 328 24.18 17.72 22.84
CA GLU B 328 23.69 16.66 21.97
C GLU B 328 24.13 15.29 22.49
N LYS B 329 25.38 15.20 22.93
CA LYS B 329 25.90 13.95 23.46
C LYS B 329 25.15 13.55 24.73
N THR B 330 24.80 14.53 25.57
CA THR B 330 24.01 14.23 26.76
C THR B 330 22.67 13.62 26.37
N LYS B 331 22.03 14.21 25.36
CA LYS B 331 20.75 13.66 24.91
C LYS B 331 20.91 12.22 24.37
N PHE B 332 21.98 11.98 23.62
CA PHE B 332 22.27 10.63 23.11
C PHE B 332 22.44 9.65 24.29
N ASP B 333 23.22 10.06 25.28
CA ASP B 333 23.42 9.28 26.50
C ASP B 333 22.08 8.91 27.13
N GLU B 334 21.16 9.87 27.19
CA GLU B 334 19.87 9.60 27.83
C GLU B 334 19.05 8.57 27.03
N ALA B 335 19.14 8.67 25.71
CA ALA B 335 18.46 7.69 24.86
C ALA B 335 19.01 6.27 25.09
N VAL B 336 20.33 6.16 25.10
CA VAL B 336 20.98 4.87 25.32
C VAL B 336 20.68 4.31 26.71
N ALA B 337 20.60 5.21 27.70
CA ALA B 337 20.28 4.80 29.07
C ALA B 337 18.89 4.20 29.13
N GLU B 338 17.94 4.78 28.39
CA GLU B 338 16.60 4.21 28.39
C GLU B 338 16.57 2.83 27.70
N THR B 339 17.29 2.71 26.59
CA THR B 339 17.43 1.39 25.96
C THR B 339 17.99 0.32 26.94
N LYS B 340 19.03 0.69 27.67
CA LYS B 340 19.61 -0.24 28.65
C LYS B 340 18.62 -0.60 29.76
N ARG B 341 17.92 0.42 30.26
CA ARG B 341 16.93 0.23 31.31
C ARG B 341 15.93 -0.82 30.88
N MET B 342 15.42 -0.68 29.66
CA MET B 342 14.41 -1.64 29.18
C MET B 342 15.00 -3.02 28.92
N LYS B 343 16.23 -3.05 28.40
CA LYS B 343 16.92 -4.31 28.17
C LYS B 343 17.06 -5.11 29.47
N ALA B 344 17.24 -4.42 30.59
CA ALA B 344 17.35 -5.15 31.87
C ALA B 344 16.03 -5.80 32.33
N LEU B 345 14.93 -5.48 31.67
CA LEU B 345 13.61 -5.92 32.15
C LEU B 345 13.05 -7.12 31.38
N ILE B 346 13.89 -7.81 30.63
CA ILE B 346 13.42 -8.98 29.90
C ILE B 346 13.38 -10.20 30.80
#